data_1TF6
#
_entry.id   1TF6
#
_cell.length_a   64.180
_cell.length_b   64.712
_cell.length_c   78.035
_cell.angle_alpha   90.07
_cell.angle_beta   92.98
_cell.angle_gamma   102.95
#
_symmetry.space_group_name_H-M   'P 1'
#
loop_
_entity.id
_entity.type
_entity.pdbx_description
1 polymer "DNA (5'-D(*AP*CP*GP*GP*GP*CP*CP*TP*GP*GP*TP*TP*AP*GP*TP*AP*C P*CP*TP*GP*GP*AP* TP*GP*GP*GP*AP*GP*AP*CP*C)-3')"
2 polymer "DNA (5'-D(*TP*GP*GP*TP*CP*TP*CP*CP*CP*AP*TP*CP*CP*AP*GP*GP*T P*AP*CP*TP*AP*AP* CP*CP*AP*GP*GP*CP*CP*CP*G)-3')"
3 polymer 'PROTEIN (TRANSCRIPTION FACTOR IIIA)'
4 non-polymer 'ZINC ION'
#
loop_
_entity_poly.entity_id
_entity_poly.type
_entity_poly.pdbx_seq_one_letter_code
_entity_poly.pdbx_strand_id
1 'polydeoxyribonucleotide'
;(DA)(DC)(DG)(DG)(DG)(DC)(DC)(DT)(DG)(DG)(DT)(DT)(DA)(DG)(DT)(DA)(DC)(DC)(DT)(DG)
(DG)(DA)(DT)(DG)(DG)(DG)(DA)(DG)(DA)(DC)(DC)
;
B,E
2 'polydeoxyribonucleotide'
;(DT)(DG)(DG)(DT)(DC)(DT)(DC)(DC)(DC)(DA)(DT)(DC)(DC)(DA)(DG)(DG)(DT)(DA)(DC)(DT)
(DA)(DA)(DC)(DC)(DA)(DG)(DG)(DC)(DC)(DC)(DG)
;
C,F
3 'polypeptide(L)'
;MGEKALPVVYKRYICSFADCGAAYNKNWKLQAHLCKHTGEKPFPCKEEGCEKGFTSLHHLTRHSLTHTGEKNFTCDSDGC
DLRFTTKANMKKHFNRFHNIKICVYVCHFENCGKAFKKHNQLKVHQFSHTQQLPYECPHEGCDKRFSLPSRLKRHEKVHA
GYPCKKDDSCSFVGKTWTLYLKHVAECHQD
;
A,D
#
loop_
_chem_comp.id
_chem_comp.type
_chem_comp.name
_chem_comp.formula
DA DNA linking 2'-DEOXYADENOSINE-5'-MONOPHOSPHATE 'C10 H14 N5 O6 P'
DC DNA linking 2'-DEOXYCYTIDINE-5'-MONOPHOSPHATE 'C9 H14 N3 O7 P'
DG DNA linking 2'-DEOXYGUANOSINE-5'-MONOPHOSPHATE 'C10 H14 N5 O7 P'
DT DNA linking THYMIDINE-5'-MONOPHOSPHATE 'C10 H15 N2 O8 P'
ZN non-polymer 'ZINC ION' 'Zn 2'
#
# COMPACT_ATOMS: atom_id res chain seq x y z
N TYR E 10 -46.24 29.30 -10.69
CA TYR E 10 -45.06 29.29 -11.54
C TYR E 10 -43.78 29.28 -10.72
N LYS E 11 -42.95 30.30 -10.88
CA LYS E 11 -41.69 30.39 -10.15
C LYS E 11 -41.46 31.82 -9.65
N ARG E 12 -42.01 32.11 -8.49
CA ARG E 12 -41.90 33.41 -7.87
C ARG E 12 -40.45 33.88 -7.77
N TYR E 13 -39.73 33.33 -6.79
CA TYR E 13 -38.33 33.69 -6.55
C TYR E 13 -37.44 33.73 -7.79
N ILE E 14 -36.72 34.85 -7.93
CA ILE E 14 -35.84 35.05 -9.07
C ILE E 14 -34.56 35.80 -8.70
N CYS E 15 -33.48 35.46 -9.42
CA CYS E 15 -32.18 36.08 -9.21
C CYS E 15 -32.33 37.57 -8.92
N SER E 16 -31.39 38.10 -8.14
CA SER E 16 -31.40 39.51 -7.77
C SER E 16 -30.52 40.30 -8.73
N PHE E 17 -29.59 39.60 -9.35
CA PHE E 17 -28.70 40.25 -10.29
C PHE E 17 -29.44 40.36 -11.62
N ALA E 18 -29.04 41.34 -12.43
CA ALA E 18 -29.65 41.51 -13.73
C ALA E 18 -28.82 40.75 -14.74
N ASP E 19 -29.50 40.11 -15.70
CA ASP E 19 -28.88 39.32 -16.77
C ASP E 19 -28.96 37.82 -16.51
N CYS E 20 -28.88 37.43 -15.24
CA CYS E 20 -28.93 36.02 -14.84
C CYS E 20 -30.22 35.35 -15.33
N GLY E 21 -31.35 35.91 -14.93
CA GLY E 21 -32.63 35.39 -15.35
C GLY E 21 -33.14 34.15 -14.63
N ALA E 22 -32.31 33.58 -13.77
CA ALA E 22 -32.69 32.38 -13.04
C ALA E 22 -33.97 32.64 -12.27
N ALA E 23 -34.65 31.58 -11.88
CA ALA E 23 -35.88 31.73 -11.12
C ALA E 23 -36.20 30.39 -10.49
N TYR E 24 -36.68 30.44 -9.25
CA TYR E 24 -36.98 29.23 -8.52
C TYR E 24 -38.33 29.29 -7.83
N ASN E 25 -38.91 28.11 -7.57
CA ASN E 25 -40.20 27.99 -6.91
C ASN E 25 -40.00 27.63 -5.46
N LYS E 26 -39.00 28.25 -4.85
CA LYS E 26 -38.65 28.02 -3.46
C LYS E 26 -37.51 28.96 -3.12
N ASN E 27 -37.82 30.01 -2.37
CA ASN E 27 -36.82 31.01 -1.98
C ASN E 27 -35.45 30.37 -1.73
N TRP E 28 -35.41 29.25 -1.02
CA TRP E 28 -34.13 28.61 -0.73
C TRP E 28 -33.35 28.27 -1.98
N LYS E 29 -34.04 27.82 -3.01
CA LYS E 29 -33.40 27.48 -4.26
C LYS E 29 -32.68 28.74 -4.76
N LEU E 30 -33.41 29.84 -4.84
CA LEU E 30 -32.80 31.07 -5.30
C LEU E 30 -31.65 31.37 -4.38
N GLN E 31 -31.92 31.27 -3.08
CA GLN E 31 -30.93 31.55 -2.05
C GLN E 31 -29.60 30.83 -2.22
N ALA E 32 -29.65 29.59 -2.71
CA ALA E 32 -28.44 28.85 -2.95
C ALA E 32 -27.82 29.40 -4.22
N HIS E 33 -28.66 29.71 -5.19
CA HIS E 33 -28.18 30.25 -6.47
C HIS E 33 -27.47 31.57 -6.19
N LEU E 34 -28.06 32.38 -5.33
CA LEU E 34 -27.47 33.67 -4.99
C LEU E 34 -26.05 33.50 -4.54
N CYS E 35 -25.85 32.61 -3.58
CA CYS E 35 -24.52 32.35 -3.04
C CYS E 35 -23.53 32.07 -4.14
N LYS E 36 -24.04 31.68 -5.31
CA LYS E 36 -23.16 31.43 -6.44
C LYS E 36 -22.60 32.80 -6.82
N HIS E 37 -23.49 33.77 -7.03
CA HIS E 37 -23.08 35.12 -7.39
C HIS E 37 -22.15 35.69 -6.35
N THR E 38 -22.63 35.71 -5.10
CA THR E 38 -21.87 36.24 -3.98
C THR E 38 -20.59 35.46 -3.73
N GLY E 39 -20.73 34.26 -3.18
CA GLY E 39 -19.58 33.44 -2.88
C GLY E 39 -19.53 33.23 -1.39
N GLU E 40 -20.71 33.04 -0.80
CA GLU E 40 -20.83 32.85 0.63
C GLU E 40 -20.68 31.39 1.05
N LYS E 41 -20.39 31.20 2.34
CA LYS E 41 -20.22 29.87 2.90
C LYS E 41 -21.22 29.69 4.05
N PRO E 42 -22.52 29.75 3.73
CA PRO E 42 -23.56 29.58 4.74
C PRO E 42 -23.40 28.29 5.53
N PHE E 43 -22.58 27.38 5.01
CA PHE E 43 -22.37 26.11 5.69
C PHE E 43 -20.93 25.62 5.54
N PRO E 44 -20.02 26.11 6.40
CA PRO E 44 -18.63 25.66 6.32
C PRO E 44 -18.43 24.46 7.23
N CYS E 45 -17.28 23.81 7.11
CA CYS E 45 -16.96 22.65 7.94
C CYS E 45 -16.47 23.10 9.30
N LYS E 46 -16.32 22.16 10.22
CA LYS E 46 -15.85 22.48 11.57
C LYS E 46 -14.55 21.75 11.91
N GLU E 47 -13.49 22.07 11.16
CA GLU E 47 -12.18 21.46 11.38
C GLU E 47 -11.14 22.20 10.55
N GLU E 48 -9.97 22.42 11.12
CA GLU E 48 -8.89 23.13 10.42
C GLU E 48 -8.51 22.44 9.12
N GLY E 49 -7.68 23.10 8.34
CA GLY E 49 -7.24 22.54 7.08
C GLY E 49 -8.32 22.49 6.02
N CYS E 50 -9.58 22.43 6.44
CA CYS E 50 -10.70 22.38 5.50
C CYS E 50 -11.35 23.74 5.34
N GLU E 51 -11.42 24.21 4.10
CA GLU E 51 -12.03 25.49 3.80
C GLU E 51 -13.23 25.27 2.88
N LYS E 52 -13.73 24.03 2.85
CA LYS E 52 -14.86 23.70 2.02
C LYS E 52 -16.12 24.42 2.47
N GLY E 53 -16.84 25.00 1.51
CA GLY E 53 -18.07 25.71 1.81
C GLY E 53 -19.26 25.08 1.13
N PHE E 54 -20.47 25.47 1.51
CA PHE E 54 -21.67 24.91 0.93
C PHE E 54 -22.87 25.87 1.01
N THR E 55 -24.03 25.42 0.52
CA THR E 55 -25.24 26.23 0.54
C THR E 55 -26.47 25.42 0.92
N SER E 56 -26.29 24.52 1.87
CA SER E 56 -27.36 23.66 2.38
C SER E 56 -26.85 22.92 3.61
N LEU E 57 -27.61 22.93 4.69
CA LEU E 57 -27.21 22.25 5.92
C LEU E 57 -27.04 20.75 5.68
N HIS E 58 -27.38 20.31 4.48
CA HIS E 58 -27.26 18.90 4.13
C HIS E 58 -26.00 18.65 3.30
N HIS E 59 -25.55 19.65 2.56
CA HIS E 59 -24.34 19.53 1.75
C HIS E 59 -23.12 19.63 2.64
N LEU E 60 -23.35 19.90 3.93
CA LEU E 60 -22.27 20.00 4.90
C LEU E 60 -22.12 18.63 5.52
N THR E 61 -23.26 18.06 5.90
CA THR E 61 -23.29 16.75 6.51
C THR E 61 -22.61 15.74 5.59
N ARG E 62 -23.10 15.64 4.36
CA ARG E 62 -22.53 14.70 3.41
C ARG E 62 -21.01 14.87 3.33
N HIS E 63 -20.51 16.04 3.70
CA HIS E 63 -19.08 16.31 3.67
C HIS E 63 -18.45 15.84 4.98
N SER E 64 -19.26 15.77 6.02
CA SER E 64 -18.78 15.35 7.33
C SER E 64 -18.21 13.94 7.27
N LEU E 65 -19.07 12.98 6.96
CA LEU E 65 -18.68 11.58 6.88
C LEU E 65 -17.34 11.38 6.17
N THR E 66 -16.88 12.40 5.45
CA THR E 66 -15.63 12.31 4.72
C THR E 66 -14.43 12.69 5.58
N HIS E 67 -14.61 13.66 6.47
CA HIS E 67 -13.53 14.10 7.33
C HIS E 67 -13.17 13.00 8.33
N THR E 68 -13.78 11.83 8.13
CA THR E 68 -13.53 10.67 8.96
C THR E 68 -13.27 9.47 8.06
N GLY E 69 -14.21 9.20 7.15
CA GLY E 69 -14.08 8.08 6.24
C GLY E 69 -15.15 7.05 6.52
N GLU E 70 -16.31 7.52 6.98
CA GLU E 70 -17.41 6.63 7.30
C GLU E 70 -18.05 6.03 6.07
N LYS E 71 -18.73 4.91 6.26
CA LYS E 71 -19.42 4.20 5.18
C LYS E 71 -20.73 3.66 5.72
N ASN E 72 -21.68 4.56 5.93
CA ASN E 72 -22.99 4.19 6.45
C ASN E 72 -23.87 3.55 5.39
N PHE E 73 -23.49 3.72 4.13
CA PHE E 73 -24.27 3.14 3.04
C PHE E 73 -23.60 1.91 2.47
N THR E 74 -24.40 0.95 2.04
CA THR E 74 -23.90 -0.30 1.49
C THR E 74 -24.43 -0.59 0.09
N CYS E 75 -23.84 -1.59 -0.55
CA CYS E 75 -24.23 -1.99 -1.91
C CYS E 75 -25.40 -2.98 -1.84
N ASP E 76 -26.60 -2.49 -2.06
CA ASP E 76 -27.80 -3.34 -2.03
C ASP E 76 -27.62 -4.45 -3.05
N SER E 77 -26.91 -5.51 -2.65
CA SER E 77 -26.67 -6.65 -3.53
C SER E 77 -26.30 -7.91 -2.76
N ASP E 78 -26.48 -9.05 -3.42
CA ASP E 78 -26.17 -10.35 -2.84
C ASP E 78 -24.79 -10.81 -3.28
N GLY E 79 -23.90 -11.00 -2.32
CA GLY E 79 -22.54 -11.43 -2.63
C GLY E 79 -21.50 -10.41 -2.21
N CYS E 80 -21.70 -9.15 -2.59
CA CYS E 80 -20.78 -8.08 -2.24
C CYS E 80 -21.32 -7.36 -1.01
N ASP E 81 -20.44 -7.10 -0.04
CA ASP E 81 -20.83 -6.43 1.18
C ASP E 81 -20.21 -5.03 1.23
N LEU E 82 -19.14 -4.86 0.46
CA LEU E 82 -18.45 -3.58 0.38
C LEU E 82 -19.45 -2.43 0.44
N ARG E 83 -19.41 -1.67 1.52
CA ARG E 83 -20.31 -0.54 1.69
C ARG E 83 -19.79 0.68 0.95
N PHE E 84 -20.67 1.66 0.73
CA PHE E 84 -20.31 2.88 0.03
C PHE E 84 -20.63 4.15 0.84
N THR E 85 -20.11 5.29 0.39
CA THR E 85 -20.32 6.56 1.06
C THR E 85 -21.70 7.19 0.87
N THR E 86 -22.33 6.91 -0.27
CA THR E 86 -23.65 7.45 -0.56
C THR E 86 -24.53 6.42 -1.25
N LYS E 87 -25.85 6.65 -1.21
CA LYS E 87 -26.79 5.74 -1.83
C LYS E 87 -26.80 5.87 -3.34
N ALA E 88 -27.45 6.90 -3.84
CA ALA E 88 -27.54 7.15 -5.27
C ALA E 88 -26.16 6.89 -5.87
N ASN E 89 -25.14 7.14 -5.06
CA ASN E 89 -23.76 6.92 -5.48
C ASN E 89 -23.56 5.42 -5.67
N MET E 90 -23.61 4.69 -4.56
CA MET E 90 -23.44 3.23 -4.59
C MET E 90 -24.31 2.60 -5.68
N LYS E 91 -25.48 3.18 -5.91
CA LYS E 91 -26.40 2.67 -6.92
C LYS E 91 -25.62 2.43 -8.20
N LYS E 92 -24.58 3.22 -8.40
CA LYS E 92 -23.74 3.10 -9.58
C LYS E 92 -23.13 1.71 -9.63
N HIS E 93 -22.32 1.39 -8.62
CA HIS E 93 -21.66 0.10 -8.52
C HIS E 93 -22.56 -1.04 -9.00
N PHE E 94 -23.62 -1.30 -8.25
CA PHE E 94 -24.57 -2.35 -8.59
C PHE E 94 -24.79 -2.42 -10.10
N ASN E 95 -25.36 -1.37 -10.66
CA ASN E 95 -25.64 -1.33 -12.09
C ASN E 95 -24.37 -1.63 -12.91
N ARG E 96 -23.22 -1.24 -12.40
CA ARG E 96 -21.95 -1.47 -13.08
C ARG E 96 -21.39 -2.85 -12.73
N PHE E 97 -22.18 -3.66 -12.04
CA PHE E 97 -21.72 -4.98 -11.64
C PHE E 97 -22.78 -6.07 -11.61
N HIS E 98 -23.70 -5.96 -10.65
CA HIS E 98 -24.76 -6.95 -10.48
C HIS E 98 -25.95 -6.86 -11.45
N ASN E 99 -26.69 -5.76 -11.40
CA ASN E 99 -27.83 -5.57 -12.28
C ASN E 99 -27.52 -6.06 -13.69
N ILE E 100 -28.19 -7.14 -14.11
CA ILE E 100 -27.99 -7.71 -15.43
C ILE E 100 -28.30 -6.73 -16.55
N LYS E 101 -28.95 -7.22 -17.61
CA LYS E 101 -29.31 -6.42 -18.76
C LYS E 101 -28.06 -6.01 -19.52
N ILE E 102 -27.02 -5.68 -18.77
CA ILE E 102 -25.73 -5.28 -19.34
C ILE E 102 -24.69 -6.34 -19.01
N CYS E 103 -24.63 -6.73 -17.74
CA CYS E 103 -23.70 -7.76 -17.29
C CYS E 103 -24.46 -9.08 -17.27
N VAL E 104 -24.90 -9.49 -18.45
CA VAL E 104 -25.65 -10.73 -18.63
C VAL E 104 -24.86 -11.97 -18.23
N TYR E 105 -23.76 -12.22 -18.93
CA TYR E 105 -22.91 -13.36 -18.65
C TYR E 105 -22.57 -13.39 -17.17
N VAL E 106 -22.98 -14.46 -16.49
CA VAL E 106 -22.71 -14.56 -15.07
C VAL E 106 -22.16 -15.90 -14.61
N CYS E 107 -21.26 -15.85 -13.63
CA CYS E 107 -20.67 -17.05 -13.07
C CYS E 107 -21.65 -17.56 -12.04
N HIS E 108 -22.46 -18.53 -12.44
CA HIS E 108 -23.46 -19.10 -11.54
C HIS E 108 -22.88 -20.22 -10.67
N PHE E 109 -21.58 -20.16 -10.40
CA PHE E 109 -20.95 -21.19 -9.57
C PHE E 109 -21.42 -20.97 -8.14
N GLU E 110 -22.24 -19.94 -7.96
CA GLU E 110 -22.79 -19.59 -6.66
C GLU E 110 -21.69 -19.29 -5.63
N ASN E 111 -22.02 -18.43 -4.67
CA ASN E 111 -21.11 -18.01 -3.62
C ASN E 111 -20.22 -16.91 -4.18
N CYS E 112 -19.51 -17.21 -5.26
CA CYS E 112 -18.64 -16.22 -5.89
C CYS E 112 -19.51 -15.14 -6.51
N GLY E 113 -20.67 -15.55 -7.01
CA GLY E 113 -21.61 -14.65 -7.63
C GLY E 113 -21.02 -13.39 -8.24
N LYS E 114 -20.77 -13.42 -9.54
CA LYS E 114 -20.21 -12.27 -10.24
C LYS E 114 -20.81 -12.20 -11.65
N ALA E 115 -20.29 -11.30 -12.47
CA ALA E 115 -20.81 -11.18 -13.82
C ALA E 115 -19.82 -10.45 -14.72
N PHE E 116 -20.12 -10.44 -16.02
CA PHE E 116 -19.27 -9.78 -17.01
C PHE E 116 -20.07 -9.35 -18.24
N LYS E 117 -19.58 -8.34 -18.93
CA LYS E 117 -20.26 -7.85 -20.12
C LYS E 117 -20.10 -8.84 -21.27
N LYS E 118 -18.93 -9.47 -21.36
CA LYS E 118 -18.66 -10.43 -22.43
C LYS E 118 -18.66 -11.86 -21.91
N HIS E 119 -18.95 -12.81 -22.80
CA HIS E 119 -18.98 -14.23 -22.43
C HIS E 119 -17.57 -14.70 -22.10
N ASN E 120 -16.63 -14.41 -23.00
CA ASN E 120 -15.26 -14.80 -22.81
C ASN E 120 -14.76 -14.30 -21.46
N GLN E 121 -15.13 -13.08 -21.11
CA GLN E 121 -14.73 -12.48 -19.85
C GLN E 121 -15.09 -13.38 -18.68
N LEU E 122 -16.26 -13.99 -18.75
CA LEU E 122 -16.71 -14.89 -17.69
C LEU E 122 -15.82 -16.12 -17.71
N LYS E 123 -15.74 -16.74 -18.89
CA LYS E 123 -14.93 -17.94 -19.10
C LYS E 123 -13.63 -17.82 -18.33
N VAL E 124 -12.91 -16.73 -18.57
CA VAL E 124 -11.65 -16.50 -17.89
C VAL E 124 -11.91 -16.65 -16.39
N HIS E 125 -12.55 -15.66 -15.79
CA HIS E 125 -12.87 -15.68 -14.37
C HIS E 125 -13.05 -17.12 -13.87
N GLN E 126 -14.04 -17.80 -14.43
CA GLN E 126 -14.35 -19.17 -14.05
C GLN E 126 -13.10 -19.99 -13.72
N PHE E 127 -12.02 -19.72 -14.45
CA PHE E 127 -10.76 -20.41 -14.24
C PHE E 127 -10.23 -20.17 -12.83
N SER E 128 -10.68 -19.08 -12.21
CA SER E 128 -10.26 -18.74 -10.87
C SER E 128 -10.82 -19.78 -9.90
N HIS E 129 -11.78 -20.57 -10.37
CA HIS E 129 -12.39 -21.59 -9.54
C HIS E 129 -11.79 -22.93 -9.91
N THR E 130 -10.58 -22.88 -10.47
CA THR E 130 -9.89 -24.09 -10.90
C THR E 130 -8.54 -24.28 -10.21
N GLN E 131 -7.60 -24.82 -10.96
CA GLN E 131 -6.26 -25.06 -10.47
C GLN E 131 -5.33 -24.64 -11.60
N GLN E 132 -5.91 -24.46 -12.78
CA GLN E 132 -5.14 -24.06 -13.94
C GLN E 132 -5.34 -22.56 -14.20
N LEU E 133 -4.50 -22.02 -15.05
CA LEU E 133 -4.58 -20.61 -15.40
C LEU E 133 -5.41 -20.49 -16.67
N PRO E 134 -5.80 -19.27 -17.04
CA PRO E 134 -6.62 -19.07 -18.23
C PRO E 134 -5.82 -19.21 -19.52
N TYR E 135 -5.42 -18.08 -20.06
CA TYR E 135 -4.67 -18.03 -21.29
C TYR E 135 -3.55 -19.07 -21.30
N GLU E 136 -3.79 -20.20 -21.95
CA GLU E 136 -2.79 -21.26 -22.02
C GLU E 136 -2.20 -21.40 -23.42
N CYS E 137 -1.03 -22.02 -23.50
CA CYS E 137 -0.35 -22.20 -24.77
C CYS E 137 -1.13 -23.06 -25.73
N PRO E 138 -1.36 -22.56 -26.95
CA PRO E 138 -2.09 -23.31 -27.98
C PRO E 138 -1.13 -24.09 -28.86
N HIS E 139 -1.12 -25.41 -28.71
CA HIS E 139 -0.25 -26.29 -29.48
C HIS E 139 -0.28 -27.68 -28.89
N GLU E 140 0.29 -28.65 -29.60
CA GLU E 140 0.33 -30.03 -29.10
C GLU E 140 1.50 -30.13 -28.12
N GLY E 141 1.33 -30.95 -27.09
CA GLY E 141 2.37 -31.08 -26.09
C GLY E 141 2.38 -29.79 -25.29
N CYS E 142 3.53 -29.43 -24.73
CA CYS E 142 3.67 -28.20 -23.95
C CYS E 142 2.65 -28.14 -22.81
N ASP E 143 1.44 -27.71 -23.15
CA ASP E 143 0.36 -27.59 -22.17
C ASP E 143 0.60 -26.40 -21.24
N LYS E 144 1.81 -25.85 -21.28
CA LYS E 144 2.16 -24.71 -20.44
C LYS E 144 1.05 -23.66 -20.56
N ARG E 145 0.49 -23.27 -19.41
CA ARG E 145 -0.58 -22.28 -19.39
C ARG E 145 -0.07 -20.94 -18.86
N PHE E 146 -0.88 -19.91 -18.98
CA PHE E 146 -0.48 -18.58 -18.52
C PHE E 146 -1.64 -17.72 -18.02
N SER E 147 -1.28 -16.59 -17.43
CA SER E 147 -2.26 -15.64 -16.94
C SER E 147 -2.30 -14.53 -17.96
N LEU E 148 -1.32 -13.65 -17.89
CA LEU E 148 -1.22 -12.51 -18.80
C LEU E 148 -0.92 -12.97 -20.22
N PRO E 149 -1.90 -12.79 -21.13
CA PRO E 149 -1.78 -13.18 -22.54
C PRO E 149 -0.48 -12.74 -23.15
N SER E 150 -0.12 -11.48 -22.93
CA SER E 150 1.11 -10.94 -23.47
C SER E 150 2.29 -11.84 -23.12
N ARG E 151 2.30 -12.37 -21.90
CA ARG E 151 3.39 -13.24 -21.49
C ARG E 151 3.35 -14.54 -22.26
N LEU E 152 2.14 -15.03 -22.55
CA LEU E 152 1.99 -16.26 -23.31
C LEU E 152 2.53 -16.05 -24.70
N LYS E 153 2.14 -14.94 -25.33
CA LYS E 153 2.60 -14.64 -26.68
C LYS E 153 4.12 -14.67 -26.76
N ARG E 154 4.77 -14.40 -25.64
CA ARG E 154 6.23 -14.41 -25.61
C ARG E 154 6.73 -15.84 -25.69
N HIS E 155 6.16 -16.72 -24.88
CA HIS E 155 6.59 -18.10 -24.89
C HIS E 155 6.38 -18.73 -26.25
N GLU E 156 5.33 -18.32 -26.94
CA GLU E 156 5.02 -18.87 -28.26
C GLU E 156 6.24 -18.88 -29.18
N LYS E 157 7.09 -17.87 -29.08
CA LYS E 157 8.28 -17.79 -29.92
C LYS E 157 9.04 -19.10 -30.03
N VAL E 158 8.73 -20.06 -29.16
CA VAL E 158 9.43 -21.34 -29.20
C VAL E 158 8.84 -22.21 -30.31
N HIS E 159 7.58 -22.61 -30.17
CA HIS E 159 6.92 -23.43 -31.18
C HIS E 159 6.57 -22.57 -32.38
N ALA E 160 7.58 -22.29 -33.21
CA ALA E 160 7.40 -21.47 -34.40
C ALA E 160 8.62 -21.58 -35.31
N GLY E 161 8.54 -22.46 -36.29
CA GLY E 161 9.65 -22.64 -37.20
C GLY E 161 9.38 -23.73 -38.21
N TYR E 162 10.13 -24.83 -38.12
CA TYR E 162 9.96 -25.95 -39.04
C TYR E 162 10.61 -27.17 -38.46
N PRO E 163 10.09 -27.70 -37.34
CA PRO E 163 10.67 -28.88 -36.73
C PRO E 163 10.56 -30.10 -37.65
N CYS E 164 11.60 -30.92 -37.69
CA CYS E 164 11.59 -32.11 -38.53
C CYS E 164 10.74 -33.19 -37.87
N LYS E 165 10.53 -34.28 -38.59
CA LYS E 165 9.77 -35.40 -38.08
C LYS E 165 10.63 -36.64 -38.17
N LYS E 166 11.28 -36.98 -37.06
CA LYS E 166 12.13 -38.16 -37.00
C LYS E 166 12.05 -38.81 -35.62
N ASP E 167 10.82 -39.18 -35.23
CA ASP E 167 10.57 -39.81 -33.94
C ASP E 167 10.93 -38.86 -32.80
N ASP E 168 10.28 -39.04 -31.66
CA ASP E 168 10.56 -38.19 -30.50
C ASP E 168 12.07 -38.03 -30.36
N SER E 169 12.81 -39.04 -30.82
CA SER E 169 14.27 -38.99 -30.77
C SER E 169 14.68 -37.60 -31.21
N CYS E 170 14.46 -37.30 -32.49
CA CYS E 170 14.77 -35.99 -33.02
C CYS E 170 13.58 -35.12 -32.66
N SER E 171 13.84 -33.91 -32.18
CA SER E 171 12.75 -33.02 -31.81
C SER E 171 13.12 -31.54 -31.90
N PHE E 172 14.12 -31.23 -32.72
CA PHE E 172 14.55 -29.85 -32.90
C PHE E 172 13.50 -29.10 -33.72
N VAL E 173 13.34 -27.81 -33.42
CA VAL E 173 12.39 -26.99 -34.15
C VAL E 173 12.96 -26.71 -35.54
N GLY E 174 13.02 -25.44 -35.90
CA GLY E 174 13.55 -25.07 -37.20
C GLY E 174 13.31 -23.60 -37.49
N LYS E 175 14.29 -22.76 -37.16
CA LYS E 175 14.16 -21.32 -37.39
C LYS E 175 13.54 -20.98 -38.74
N THR E 176 14.11 -21.53 -39.81
CA THR E 176 13.61 -21.27 -41.15
C THR E 176 13.87 -22.44 -42.10
N TRP E 177 13.03 -22.56 -43.13
CA TRP E 177 13.16 -23.62 -44.11
C TRP E 177 14.61 -23.87 -44.51
N THR E 178 15.22 -22.84 -45.08
CA THR E 178 16.61 -22.93 -45.51
C THR E 178 17.47 -23.62 -44.46
N LEU E 179 17.28 -23.24 -43.20
CA LEU E 179 18.03 -23.82 -42.10
C LEU E 179 17.40 -25.14 -41.68
N TYR E 180 16.10 -25.26 -41.93
CA TYR E 180 15.35 -26.46 -41.58
C TYR E 180 15.78 -27.60 -42.50
N LEU E 181 15.86 -27.31 -43.78
CA LEU E 181 16.27 -28.32 -44.75
C LEU E 181 17.56 -28.98 -44.28
N LYS E 182 18.59 -28.16 -44.08
CA LYS E 182 19.88 -28.64 -43.63
C LYS E 182 19.74 -29.67 -42.51
N HIS E 183 18.94 -29.36 -41.50
CA HIS E 183 18.73 -30.27 -40.37
C HIS E 183 18.44 -31.67 -40.88
N VAL E 184 17.72 -31.75 -41.99
CA VAL E 184 17.40 -33.04 -42.57
C VAL E 184 18.60 -33.55 -43.36
N ALA E 185 19.05 -32.76 -44.32
CA ALA E 185 20.20 -33.14 -45.15
C ALA E 185 21.47 -33.20 -44.30
N GLU E 186 22.04 -32.04 -43.97
CA GLU E 186 23.26 -31.97 -43.18
C GLU E 186 23.30 -33.00 -42.07
N CYS E 187 22.14 -33.27 -41.45
CA CYS E 187 22.07 -34.23 -40.36
C CYS E 187 21.12 -35.39 -40.70
N HIS E 188 20.32 -35.81 -39.73
CA HIS E 188 19.37 -36.89 -39.92
C HIS E 188 20.11 -38.19 -40.25
N PRO F 7 28.81 50.40 10.85
CA PRO F 7 30.00 50.56 11.69
C PRO F 7 29.83 49.91 13.07
N VAL F 8 30.48 48.77 13.28
CA VAL F 8 30.39 48.05 14.55
C VAL F 8 31.70 47.32 14.86
N VAL F 9 31.64 46.39 15.80
CA VAL F 9 32.80 45.61 16.22
C VAL F 9 32.61 44.13 15.88
N TYR F 10 33.72 43.43 15.61
CA TYR F 10 33.69 42.01 15.25
C TYR F 10 32.46 41.28 15.74
N LYS F 11 31.40 41.39 14.93
CA LYS F 11 30.08 40.83 15.17
C LYS F 11 29.24 41.93 14.56
N ARG F 12 29.97 42.91 14.02
CA ARG F 12 29.41 44.09 13.40
C ARG F 12 27.88 44.10 13.29
N TYR F 13 27.36 43.40 12.30
CA TYR F 13 25.91 43.31 12.07
C TYR F 13 25.11 42.86 13.29
N ILE F 14 24.16 43.69 13.72
CA ILE F 14 23.35 43.37 14.88
C ILE F 14 21.88 43.65 14.67
N CYS F 15 21.04 42.84 15.29
CA CYS F 15 19.60 42.98 15.21
C CYS F 15 19.17 44.45 15.28
N SER F 16 18.17 44.82 14.50
CA SER F 16 17.68 46.19 14.45
C SER F 16 16.65 46.48 15.53
N PHE F 17 15.98 45.43 16.00
CA PHE F 17 14.99 45.60 17.07
C PHE F 17 15.71 45.70 18.40
N ALA F 18 15.21 46.55 19.29
CA ALA F 18 15.82 46.68 20.60
C ALA F 18 15.35 45.49 21.46
N ASP F 19 16.25 45.01 22.33
CA ASP F 19 15.99 43.88 23.24
C ASP F 19 16.58 42.57 22.74
N CYS F 20 16.43 42.29 21.45
CA CYS F 20 16.93 41.05 20.84
C CYS F 20 18.38 40.79 21.23
N GLY F 21 19.25 41.76 20.96
CA GLY F 21 20.65 41.63 21.29
C GLY F 21 21.46 40.73 20.37
N ALA F 22 20.81 40.12 19.39
CA ALA F 22 21.52 39.24 18.48
C ALA F 22 22.60 40.03 17.73
N ALA F 23 23.60 39.34 17.22
CA ALA F 23 24.67 39.98 16.48
C ALA F 23 25.36 38.96 15.60
N TYR F 24 25.72 39.36 14.39
CA TYR F 24 26.35 38.45 13.44
C TYR F 24 27.56 39.03 12.76
N ASN F 25 28.41 38.14 12.26
CA ASN F 25 29.63 38.52 11.56
C ASN F 25 29.44 38.38 10.06
N LYS F 26 28.31 38.86 9.58
CA LYS F 26 27.99 38.80 8.15
C LYS F 26 26.57 39.31 7.97
N ASN F 27 26.43 40.46 7.33
CA ASN F 27 25.13 41.06 7.11
C ASN F 27 24.03 40.05 6.74
N TRP F 28 24.34 39.02 5.96
CA TRP F 28 23.30 38.06 5.59
C TRP F 28 22.78 37.33 6.83
N LYS F 29 23.69 36.86 7.67
CA LYS F 29 23.30 36.16 8.88
C LYS F 29 22.23 37.02 9.52
N LEU F 30 22.59 38.22 9.91
CA LEU F 30 21.63 39.09 10.53
C LEU F 30 20.36 39.16 9.70
N GLN F 31 20.53 39.44 8.42
CA GLN F 31 19.42 39.56 7.48
C GLN F 31 18.41 38.46 7.65
N ALA F 32 18.89 37.25 7.89
CA ALA F 32 18.01 36.11 8.09
C ALA F 32 17.31 36.25 9.45
N HIS F 33 18.09 36.56 10.47
CA HIS F 33 17.56 36.73 11.82
C HIS F 33 16.48 37.78 11.78
N LEU F 34 16.63 38.76 10.89
CA LEU F 34 15.65 39.84 10.78
C LEU F 34 14.32 39.30 10.26
N CYS F 35 14.41 38.45 9.25
CA CYS F 35 13.21 37.87 8.67
C CYS F 35 12.41 37.16 9.76
N LYS F 36 13.10 36.74 10.80
CA LYS F 36 12.43 36.10 11.90
C LYS F 36 11.44 37.14 12.43
N HIS F 37 11.98 38.26 12.91
CA HIS F 37 11.17 39.35 13.45
C HIS F 37 10.04 39.70 12.51
N THR F 38 10.42 40.09 11.30
CA THR F 38 9.47 40.48 10.26
C THR F 38 8.49 39.36 9.86
N GLY F 39 9.03 38.33 9.23
CA GLY F 39 8.20 37.22 8.79
C GLY F 39 8.10 37.27 7.29
N GLU F 40 9.24 37.51 6.65
CA GLU F 40 9.32 37.61 5.20
C GLU F 40 9.58 36.27 4.54
N LYS F 41 9.35 36.23 3.23
CA LYS F 41 9.56 35.02 2.45
C LYS F 41 10.52 35.31 1.28
N PRO F 42 11.75 35.73 1.59
CA PRO F 42 12.76 36.04 0.56
C PRO F 42 12.95 34.92 -0.45
N PHE F 43 12.51 33.73 -0.10
CA PHE F 43 12.63 32.59 -0.99
C PHE F 43 11.43 31.68 -0.87
N PRO F 44 10.36 31.97 -1.61
CA PRO F 44 9.14 31.14 -1.57
C PRO F 44 9.18 30.06 -2.64
N CYS F 45 8.32 29.05 -2.52
CA CYS F 45 8.28 27.97 -3.49
C CYS F 45 7.51 28.36 -4.74
N LYS F 46 7.63 27.56 -5.78
CA LYS F 46 6.95 27.84 -7.04
C LYS F 46 5.90 26.81 -7.44
N GLU F 47 4.89 26.65 -6.59
CA GLU F 47 3.79 25.71 -6.83
C GLU F 47 2.68 25.97 -5.82
N GLU F 48 1.43 25.80 -6.25
CA GLU F 48 0.28 26.02 -5.38
C GLU F 48 0.27 25.08 -4.19
N GLY F 49 -0.63 25.34 -3.25
CA GLY F 49 -0.74 24.51 -2.07
C GLY F 49 0.40 24.68 -1.09
N CYS F 50 1.54 25.16 -1.59
CA CYS F 50 2.72 25.36 -0.76
C CYS F 50 2.95 26.84 -0.45
N GLU F 51 3.00 27.15 0.84
CA GLU F 51 3.23 28.52 1.30
C GLU F 51 4.56 28.60 2.03
N LYS F 52 5.37 27.53 1.90
CA LYS F 52 6.67 27.46 2.56
C LYS F 52 7.58 28.61 2.13
N GLY F 53 8.19 29.25 3.12
CA GLY F 53 9.09 30.36 2.86
C GLY F 53 10.48 30.09 3.38
N PHE F 54 11.44 30.91 2.99
CA PHE F 54 12.82 30.72 3.42
C PHE F 54 13.65 31.99 3.43
N THR F 55 14.93 31.85 3.79
CA THR F 55 15.86 32.97 3.87
C THR F 55 17.26 32.61 3.34
N SER F 56 17.28 31.98 2.17
CA SER F 56 18.50 31.56 1.49
C SER F 56 18.08 30.87 0.18
N LEU F 57 18.78 31.16 -0.91
CA LEU F 57 18.46 30.56 -2.19
C LEU F 57 18.75 29.06 -2.21
N HIS F 58 19.27 28.54 -1.10
CA HIS F 58 19.59 27.12 -0.99
C HIS F 58 18.57 26.41 -0.11
N HIS F 59 17.96 27.16 0.80
CA HIS F 59 16.96 26.59 1.68
C HIS F 59 15.67 26.45 0.91
N LEU F 60 15.67 26.87 -0.34
CA LEU F 60 14.51 26.75 -1.20
C LEU F 60 14.69 25.53 -2.07
N THR F 61 15.93 25.31 -2.52
CA THR F 61 16.26 24.17 -3.36
C THR F 61 16.07 22.86 -2.60
N ARG F 62 16.60 22.79 -1.39
CA ARG F 62 16.46 21.59 -0.57
C ARG F 62 14.97 21.27 -0.38
N HIS F 63 14.12 22.27 -0.52
CA HIS F 63 12.67 22.07 -0.38
C HIS F 63 12.06 21.62 -1.71
N SER F 64 12.76 21.90 -2.81
CA SER F 64 12.29 21.52 -4.13
C SER F 64 12.21 20.00 -4.27
N LEU F 65 13.35 19.34 -4.14
CA LEU F 65 13.43 17.88 -4.25
C LEU F 65 12.28 17.19 -3.52
N THR F 66 11.63 17.92 -2.63
CA THR F 66 10.53 17.40 -1.85
C THR F 66 9.17 17.46 -2.55
N HIS F 67 8.92 18.54 -3.28
CA HIS F 67 7.65 18.68 -3.99
C HIS F 67 7.58 17.63 -5.09
N THR F 68 8.59 16.77 -5.12
CA THR F 68 8.68 15.69 -6.09
C THR F 68 8.89 14.39 -5.34
N GLY F 69 9.96 14.33 -4.55
CA GLY F 69 10.27 13.13 -3.80
C GLY F 69 11.52 12.48 -4.33
N GLU F 70 12.45 13.32 -4.78
CA GLU F 70 13.72 12.83 -5.32
C GLU F 70 14.64 12.34 -4.23
N LYS F 71 15.64 11.55 -4.62
CA LYS F 71 16.62 11.01 -3.68
C LYS F 71 17.98 11.02 -4.35
N ASN F 72 18.55 12.22 -4.47
CA ASN F 72 19.84 12.42 -5.10
C ASN F 72 21.03 11.94 -4.28
N PHE F 73 20.91 11.98 -2.95
CA PHE F 73 21.98 11.51 -2.08
C PHE F 73 21.74 10.06 -1.72
N THR F 74 22.82 9.31 -1.49
CA THR F 74 22.72 7.90 -1.15
C THR F 74 23.28 7.55 0.22
N CYS F 75 22.96 6.35 0.69
CA CYS F 75 23.44 5.88 1.99
C CYS F 75 24.82 5.26 1.83
N ASP F 76 25.86 6.02 2.21
CA ASP F 76 27.22 5.54 2.11
C ASP F 76 27.38 4.26 2.92
N SER F 77 27.00 3.13 2.32
CA SER F 77 27.08 1.83 2.99
C SER F 77 27.08 0.65 2.04
N ASP F 78 27.60 -0.47 2.53
CA ASP F 78 27.65 -1.71 1.76
C ASP F 78 26.46 -2.58 2.15
N GLY F 79 25.60 -2.85 1.18
CA GLY F 79 24.43 -3.67 1.45
C GLY F 79 23.15 -2.93 1.07
N CYS F 80 22.98 -1.74 1.64
CA CYS F 80 21.81 -0.92 1.35
C CYS F 80 22.13 0.08 0.24
N ASP F 81 21.21 0.19 -0.72
CA ASP F 81 21.40 1.11 -1.83
C ASP F 81 20.45 2.28 -1.69
N LEU F 82 19.39 2.07 -0.90
CA LEU F 82 18.39 3.11 -0.66
C LEU F 82 19.06 4.48 -0.54
N ARG F 83 18.76 5.35 -1.49
CA ARG F 83 19.33 6.70 -1.47
C ARG F 83 18.49 7.60 -0.57
N PHE F 84 19.06 8.75 -0.20
CA PHE F 84 18.38 9.70 0.67
C PHE F 84 18.32 11.10 0.06
N THR F 85 17.54 11.97 0.68
CA THR F 85 17.38 13.34 0.20
C THR F 85 18.54 14.26 0.55
N THR F 86 19.17 14.03 1.70
CA THR F 86 20.31 14.85 2.13
C THR F 86 21.45 14.02 2.68
N LYS F 87 22.65 14.57 2.66
CA LYS F 87 23.83 13.88 3.15
C LYS F 87 23.83 13.77 4.67
N ALA F 88 24.12 14.88 5.34
CA ALA F 88 24.16 14.89 6.80
C ALA F 88 22.88 14.21 7.31
N ASN F 89 21.84 14.24 6.48
CA ASN F 89 20.58 13.61 6.82
C ASN F 89 20.82 12.11 6.80
N MET F 90 21.06 11.58 5.60
CA MET F 90 21.31 10.15 5.40
C MET F 90 22.33 9.61 6.41
N LYS F 91 23.28 10.48 6.79
CA LYS F 91 24.32 10.11 7.75
C LYS F 91 23.64 9.49 8.97
N LYS F 92 22.39 9.87 9.20
CA LYS F 92 21.63 9.34 10.31
C LYS F 92 21.45 7.84 10.11
N HIS F 93 20.65 7.47 9.12
CA HIS F 93 20.38 6.07 8.80
C HIS F 93 21.55 5.16 9.10
N PHE F 94 22.65 5.37 8.38
CA PHE F 94 23.84 4.54 8.56
C PHE F 94 24.11 4.31 10.04
N ASN F 95 24.40 5.39 10.76
CA ASN F 95 24.66 5.29 12.19
C ASN F 95 23.53 4.54 12.90
N ARG F 96 22.31 4.73 12.41
CA ARG F 96 21.12 4.08 12.98
C ARG F 96 20.96 2.66 12.47
N PHE F 97 21.91 2.20 11.68
CA PHE F 97 21.84 0.86 11.11
C PHE F 97 23.19 0.17 11.04
N HIS F 98 24.00 0.61 10.08
CA HIS F 98 25.31 0.04 9.85
C HIS F 98 26.33 0.33 10.94
N ASN F 99 26.92 1.52 10.92
CA ASN F 99 27.93 1.90 11.91
C ASN F 99 27.80 1.12 13.21
N ILE F 100 28.78 0.28 13.49
CA ILE F 100 28.77 -0.52 14.69
C ILE F 100 28.84 0.34 15.94
N LYS F 101 29.54 -0.18 16.96
CA LYS F 101 29.68 0.51 18.24
C LYS F 101 28.34 0.42 18.99
N ILE F 102 27.24 0.59 18.24
CA ILE F 102 25.90 0.53 18.79
C ILE F 102 25.18 -0.71 18.26
N CYS F 103 25.20 -0.88 16.94
CA CYS F 103 24.59 -2.04 16.30
C CYS F 103 25.69 -3.08 16.13
N VAL F 104 26.14 -3.61 17.27
CA VAL F 104 27.20 -4.60 17.29
C VAL F 104 26.79 -5.92 16.64
N TYR F 105 25.57 -6.37 16.94
CA TYR F 105 25.06 -7.63 16.41
C TYR F 105 24.64 -7.61 14.95
N VAL F 106 25.30 -8.42 14.14
CA VAL F 106 25.03 -8.45 12.71
C VAL F 106 25.00 -9.85 12.07
N CYS F 107 24.12 -10.01 11.09
CA CYS F 107 24.00 -11.27 10.37
C CYS F 107 25.05 -11.27 9.26
N HIS F 108 26.22 -11.84 9.56
CA HIS F 108 27.30 -11.88 8.59
C HIS F 108 27.14 -12.98 7.53
N PHE F 109 25.91 -13.39 7.28
CA PHE F 109 25.65 -14.43 6.28
C PHE F 109 25.98 -13.87 4.88
N GLU F 110 26.36 -12.59 4.86
CA GLU F 110 26.70 -11.87 3.64
C GLU F 110 25.53 -11.82 2.68
N ASN F 111 25.46 -10.73 1.91
CA ASN F 111 24.38 -10.51 0.95
C ASN F 111 23.21 -9.92 1.73
N CYS F 112 22.66 -10.70 2.66
CA CYS F 112 21.54 -10.25 3.47
C CYS F 112 21.96 -9.02 4.28
N GLY F 113 23.22 -9.01 4.69
CA GLY F 113 23.78 -7.91 5.47
C GLY F 113 22.80 -7.03 6.23
N LYS F 114 22.59 -7.34 7.50
CA LYS F 114 21.69 -6.54 8.34
C LYS F 114 22.30 -6.39 9.73
N ALA F 115 21.52 -5.94 10.70
CA ALA F 115 22.05 -5.76 12.05
C ALA F 115 20.93 -5.65 13.08
N PHE F 116 21.32 -5.74 14.35
CA PHE F 116 20.36 -5.65 15.45
C PHE F 116 21.03 -5.10 16.71
N LYS F 117 20.24 -4.44 17.55
CA LYS F 117 20.77 -3.88 18.79
C LYS F 117 21.06 -4.98 19.78
N LYS F 118 20.23 -6.01 19.76
CA LYS F 118 20.40 -7.12 20.68
C LYS F 118 20.90 -8.37 19.96
N HIS F 119 21.51 -9.27 20.70
CA HIS F 119 22.04 -10.50 20.14
C HIS F 119 20.89 -11.40 19.71
N ASN F 120 19.98 -11.65 20.66
CA ASN F 120 18.81 -12.48 20.40
C ASN F 120 18.09 -12.02 19.15
N GLN F 121 17.96 -10.71 19.00
CA GLN F 121 17.29 -10.13 17.84
C GLN F 121 17.91 -10.72 16.58
N LEU F 122 19.24 -10.78 16.56
CA LEU F 122 19.96 -11.34 15.42
C LEU F 122 19.57 -12.80 15.27
N LYS F 123 19.69 -13.54 16.35
CA LYS F 123 19.35 -14.96 16.36
C LYS F 123 18.07 -15.22 15.56
N VAL F 124 17.01 -14.48 15.90
CA VAL F 124 15.73 -14.63 15.21
C VAL F 124 15.91 -14.46 13.71
N HIS F 125 16.15 -13.23 13.28
CA HIS F 125 16.36 -12.94 11.86
C HIS F 125 17.01 -14.14 11.20
N GLN F 126 18.22 -14.48 11.63
CA GLN F 126 18.96 -15.60 11.09
C GLN F 126 18.07 -16.75 10.63
N PHE F 127 17.05 -17.05 11.42
CA PHE F 127 16.13 -18.14 11.07
C PHE F 127 15.49 -17.88 9.70
N SER F 128 15.46 -16.62 9.30
CA SER F 128 14.90 -16.24 8.02
C SER F 128 15.73 -16.87 6.91
N HIS F 129 16.94 -17.30 7.24
CA HIS F 129 17.79 -17.93 6.25
C HIS F 129 17.70 -19.43 6.44
N THR F 130 16.59 -19.88 6.98
CA THR F 130 16.39 -21.30 7.21
C THR F 130 15.12 -21.82 6.58
N GLN F 131 14.53 -22.82 7.23
CA GLN F 131 13.30 -23.44 6.76
C GLN F 131 12.34 -23.52 7.94
N GLN F 132 12.91 -23.45 9.14
CA GLN F 132 12.14 -23.51 10.38
C GLN F 132 11.82 -22.11 10.88
N LEU F 133 10.84 -22.01 11.76
CA LEU F 133 10.43 -20.73 12.34
C LEU F 133 11.22 -20.48 13.61
N PRO F 134 11.19 -19.24 14.13
CA PRO F 134 11.93 -18.91 15.36
C PRO F 134 11.24 -19.39 16.63
N TYR F 135 10.57 -18.47 17.32
CA TYR F 135 9.87 -18.79 18.55
C TYR F 135 9.06 -20.07 18.39
N GLU F 136 9.61 -21.20 18.82
CA GLU F 136 8.91 -22.48 18.70
C GLU F 136 8.30 -22.93 20.02
N CYS F 137 7.29 -23.79 19.95
CA CYS F 137 6.63 -24.29 21.16
C CYS F 137 7.58 -25.11 22.01
N PRO F 138 7.61 -24.82 23.32
CA PRO F 138 8.46 -25.52 24.27
C PRO F 138 7.68 -26.62 24.98
N HIS F 139 8.03 -27.88 24.68
CA HIS F 139 7.36 -29.03 25.28
C HIS F 139 7.78 -30.28 24.52
N GLU F 140 7.41 -31.44 25.03
CA GLU F 140 7.75 -32.70 24.36
C GLU F 140 6.69 -32.97 23.30
N GLY F 141 7.14 -33.50 22.17
CA GLY F 141 6.22 -33.78 21.07
C GLY F 141 5.89 -32.45 20.42
N CYS F 142 4.69 -32.33 19.87
CA CYS F 142 4.26 -31.09 19.22
C CYS F 142 5.28 -30.60 18.19
N ASP F 143 6.31 -29.91 18.68
CA ASP F 143 7.38 -29.37 17.85
C ASP F 143 6.89 -28.16 17.05
N LYS F 144 5.58 -27.92 17.10
CA LYS F 144 4.98 -26.80 16.39
C LYS F 144 5.77 -25.53 16.70
N ARG F 145 6.26 -24.87 15.67
CA ARG F 145 7.04 -23.65 15.86
C ARG F 145 6.18 -22.45 15.49
N PHE F 146 6.74 -21.26 15.68
CA PHE F 146 6.01 -20.03 15.37
C PHE F 146 6.93 -18.85 15.05
N SER F 147 6.30 -17.74 14.71
CA SER F 147 7.01 -16.51 14.38
C SER F 147 6.77 -15.52 15.51
N LEU F 148 5.59 -14.92 15.53
CA LEU F 148 5.24 -13.96 16.56
C LEU F 148 4.99 -14.70 17.88
N PRO F 149 5.88 -14.51 18.86
CA PRO F 149 5.78 -15.15 20.17
C PRO F 149 4.39 -15.08 20.75
N SER F 150 3.72 -13.96 20.52
CA SER F 150 2.36 -13.78 21.05
C SER F 150 1.43 -14.90 20.62
N ARG F 151 1.54 -15.31 19.36
CA ARG F 151 0.71 -16.38 18.82
C ARG F 151 1.08 -17.73 19.44
N LEU F 152 2.37 -17.95 19.65
CA LEU F 152 2.84 -19.18 20.26
C LEU F 152 2.20 -19.36 21.63
N LYS F 153 2.37 -18.35 22.47
CA LYS F 153 1.80 -18.35 23.82
C LYS F 153 0.35 -18.79 23.74
N ARG F 154 -0.32 -18.41 22.65
CA ARG F 154 -1.71 -18.77 22.43
C ARG F 154 -1.87 -20.28 22.31
N HIS F 155 -1.06 -20.88 21.47
CA HIS F 155 -1.12 -22.32 21.27
C HIS F 155 -0.87 -23.05 22.58
N GLU F 156 0.05 -22.53 23.39
CA GLU F 156 0.39 -23.13 24.68
C GLU F 156 -0.83 -23.61 25.47
N LYS F 157 -1.90 -22.81 25.45
CA LYS F 157 -3.13 -23.16 26.17
C LYS F 157 -3.55 -24.62 26.01
N VAL F 158 -2.92 -25.33 25.09
CA VAL F 158 -3.24 -26.73 24.90
C VAL F 158 -2.48 -27.54 25.94
N HIS F 159 -1.15 -27.63 25.81
CA HIS F 159 -0.37 -28.37 26.78
C HIS F 159 -0.30 -27.57 28.07
N ALA F 160 -1.35 -27.66 28.88
CA ALA F 160 -1.41 -26.96 30.16
C ALA F 160 -2.53 -27.49 31.06
N GLY F 161 -2.14 -28.18 32.12
CA GLY F 161 -3.11 -28.74 33.04
C GLY F 161 -2.50 -29.84 33.89
N TYR F 162 -2.84 -31.09 33.58
CA TYR F 162 -2.32 -32.24 34.31
C TYR F 162 -2.44 -33.51 33.50
N PRO F 163 -1.67 -33.63 32.41
CA PRO F 163 -1.75 -34.84 31.59
C PRO F 163 -1.24 -36.09 32.32
N CYS F 164 -1.93 -37.20 32.10
CA CYS F 164 -1.55 -38.46 32.72
C CYS F 164 -0.40 -39.06 31.94
N LYS F 165 0.22 -40.09 32.50
CA LYS F 165 1.35 -40.76 31.86
C LYS F 165 1.04 -42.23 31.60
N LYS F 166 0.53 -42.51 30.41
CA LYS F 166 0.18 -43.88 30.03
C LYS F 166 0.56 -44.16 28.59
N ASP F 167 1.85 -44.02 28.29
CA ASP F 167 2.36 -44.27 26.95
C ASP F 167 1.72 -43.31 25.94
N ASP F 168 2.37 -43.13 24.79
CA ASP F 168 1.83 -42.25 23.76
C ASP F 168 0.37 -42.56 23.48
N SER F 169 -0.04 -43.80 23.75
CA SER F 169 -1.43 -44.22 23.54
C SER F 169 -2.30 -43.15 24.19
N CYS F 170 -2.27 -43.10 25.50
CA CYS F 170 -3.03 -42.10 26.24
C CYS F 170 -2.21 -40.82 26.16
N SER F 171 -2.85 -39.70 25.82
CA SER F 171 -2.12 -38.45 25.71
C SER F 171 -2.97 -37.21 26.03
N PHE F 172 -4.06 -37.42 26.76
CA PHE F 172 -4.92 -36.30 27.14
C PHE F 172 -4.23 -35.41 28.15
N VAL F 173 -4.56 -34.12 28.11
CA VAL F 173 -3.98 -33.15 29.04
C VAL F 173 -4.61 -33.36 30.41
N GLY F 174 -5.09 -32.28 31.02
CA GLY F 174 -5.70 -32.39 32.34
C GLY F 174 -6.07 -31.05 32.91
N LYS F 175 -7.24 -30.55 32.53
CA LYS F 175 -7.74 -29.27 33.00
C LYS F 175 -7.28 -28.95 34.42
N THR F 176 -7.71 -29.80 35.36
CA THR F 176 -7.34 -29.62 36.77
C THR F 176 -7.22 -30.98 37.46
N TRP F 177 -6.44 -31.01 38.55
CA TRP F 177 -6.23 -32.24 39.33
C TRP F 177 -7.51 -33.03 39.54
N THR F 178 -8.47 -32.42 40.23
CA THR F 178 -9.76 -33.05 40.50
C THR F 178 -10.28 -33.78 39.27
N LEU F 179 -10.20 -33.10 38.13
CA LEU F 179 -10.65 -33.66 36.86
C LEU F 179 -9.60 -34.62 36.29
N TYR F 180 -8.34 -34.31 36.54
CA TYR F 180 -7.23 -35.11 36.07
C TYR F 180 -7.25 -36.45 36.75
N LEU F 181 -7.51 -36.44 38.06
CA LEU F 181 -7.56 -37.67 38.81
C LEU F 181 -8.51 -38.65 38.13
N LYS F 182 -9.75 -38.20 37.92
CA LYS F 182 -10.78 -39.01 37.29
C LYS F 182 -10.26 -39.73 36.04
N HIS F 183 -9.61 -39.00 35.14
CA HIS F 183 -9.07 -39.58 33.92
C HIS F 183 -8.32 -40.88 34.22
N VAL F 184 -7.62 -40.89 35.36
CA VAL F 184 -6.87 -42.07 35.76
C VAL F 184 -7.86 -43.06 36.35
N ALA F 185 -8.59 -42.60 37.36
CA ALA F 185 -9.58 -43.45 38.01
C ALA F 185 -10.70 -43.82 37.05
N GLU F 186 -11.64 -42.89 36.86
CA GLU F 186 -12.77 -43.11 35.97
C GLU F 186 -12.37 -43.87 34.70
N CYS F 187 -11.17 -43.60 34.22
CA CYS F 187 -10.68 -44.28 33.03
C CYS F 187 -9.40 -45.08 33.32
N HIS F 188 -8.47 -45.07 32.38
CA HIS F 188 -7.22 -45.81 32.54
C HIS F 188 -7.48 -47.31 32.64
ZN ZN G . -28.13 34.66 -11.03
ZN ZN H . -14.21 20.05 6.18
ZN ZN I . -21.88 -5.34 -4.91
ZN ZN J . -17.09 -17.11 -10.46
ZN ZN K . 3.99 -23.88 -25.55
ZN ZN L . 15.38 -33.71 -37.59
ZN ZN M . 16.33 39.98 16.96
ZN ZN N . 6.68 24.34 -2.11
ZN ZN O . 22.17 1.57 4.18
ZN ZN P . 20.37 -12.44 8.02
ZN ZN Q . 2.85 -27.09 21.53
ZN ZN R . -4.69 -41.62 31.13
#